data_5DRK
#
_entry.id   5DRK
#
_cell.length_a   51.510
_cell.length_b   75.610
_cell.length_c   79.860
_cell.angle_alpha   90.000
_cell.angle_beta   90.000
_cell.angle_gamma   90.000
#
_symmetry.space_group_name_H-M   'P 21 21 21'
#
loop_
_entity.id
_entity.type
_entity.pdbx_description
1 polymer 'Nitrogen regulatory protein P-II'
2 non-polymer 'ADENOSINE MONOPHOSPHATE'
3 non-polymer "ADENOSINE-5'-DIPHOSPHATE"
4 non-polymer 'BICARBONATE ION'
5 water water
#
_entity_poly.entity_id   1
_entity_poly.type   'polypeptide(L)'
_entity_poly.pdbx_seq_one_letter_code
;MNAIKLYPLKKLEIILEGAHKEFATDLLDRAGVKGYTIVGNLSGKGSHGMYEGHLMFNEDDALIMIIAAVPEELVGPLLE
GFQPFFEAHSGVVFVHDIQVGRPIKFRN
;
_entity_poly.pdbx_strand_id   A,B,C
#
loop_
_chem_comp.id
_chem_comp.type
_chem_comp.name
_chem_comp.formula
ADP non-polymer ADENOSINE-5'-DIPHOSPHATE 'C10 H15 N5 O10 P2'
AMP non-polymer 'ADENOSINE MONOPHOSPHATE' 'C10 H14 N5 O7 P'
BCT non-polymer 'BICARBONATE ION' 'C H O3 -1'
#
# COMPACT_ATOMS: atom_id res chain seq x y z
N ILE A 4 6.47 13.51 16.59
CA ILE A 4 6.41 14.65 17.49
C ILE A 4 6.08 15.93 16.75
N LYS A 5 6.17 15.87 15.45
CA LYS A 5 5.87 16.98 14.60
C LYS A 5 5.74 16.31 13.29
N LEU A 6 4.69 16.63 12.59
CA LEU A 6 4.47 16.00 11.30
C LEU A 6 4.79 16.91 10.10
N TYR A 7 5.49 16.37 9.12
CA TYR A 7 5.84 17.15 7.94
C TYR A 7 5.26 16.52 6.68
N PRO A 8 4.80 17.40 5.72
CA PRO A 8 4.20 16.76 4.56
C PRO A 8 5.25 16.22 3.66
N LEU A 9 4.86 15.27 2.88
CA LEU A 9 5.79 14.70 1.93
C LEU A 9 4.94 13.95 0.92
N LYS A 10 5.56 13.43 -0.13
CA LYS A 10 4.85 12.63 -1.13
C LYS A 10 5.36 11.20 -1.06
N LYS A 11 4.51 10.25 -1.44
CA LYS A 11 4.97 8.88 -1.54
C LYS A 11 4.57 8.26 -2.89
N LEU A 12 5.57 7.76 -3.62
CA LEU A 12 5.34 7.05 -4.87
C LEU A 12 5.15 5.54 -4.68
N GLU A 13 4.17 4.99 -5.39
CA GLU A 13 4.14 3.55 -5.60
C GLU A 13 4.42 3.32 -7.09
N ILE A 14 5.56 2.70 -7.38
CA ILE A 14 5.95 2.45 -8.77
C ILE A 14 5.87 0.96 -9.07
N ILE A 15 4.93 0.56 -9.89
CA ILE A 15 4.71 -0.82 -10.22
C ILE A 15 5.18 -1.18 -11.62
N LEU A 16 6.13 -2.08 -11.70
CA LEU A 16 6.72 -2.51 -12.95
C LEU A 16 7.32 -3.87 -12.91
N GLU A 17 7.74 -4.32 -14.09
CA GLU A 17 8.35 -5.63 -14.28
C GLU A 17 9.70 -5.62 -13.62
N GLY A 18 10.04 -6.70 -12.96
CA GLY A 18 11.25 -6.80 -12.17
C GLY A 18 12.54 -6.67 -12.96
N ALA A 19 12.53 -7.03 -14.24
CA ALA A 19 13.73 -6.94 -15.05
C ALA A 19 14.20 -5.49 -15.22
N HIS A 20 13.29 -4.55 -14.99
CA HIS A 20 13.61 -3.14 -15.10
C HIS A 20 13.87 -2.47 -13.77
N LYS A 21 14.09 -3.24 -12.75
CA LYS A 21 14.32 -2.71 -11.44
C LYS A 21 15.56 -1.88 -11.28
N GLU A 22 16.64 -2.30 -11.90
CA GLU A 22 17.88 -1.59 -11.78
C GLU A 22 17.79 -0.25 -12.38
N PHE A 23 17.10 -0.19 -13.48
CA PHE A 23 16.90 1.06 -14.14
C PHE A 23 16.12 1.99 -13.22
N ALA A 24 15.12 1.46 -12.57
CA ALA A 24 14.31 2.26 -11.69
C ALA A 24 15.04 2.79 -10.47
N THR A 25 15.58 1.90 -9.67
CA THR A 25 16.23 2.31 -8.46
C THR A 25 17.37 3.18 -8.80
N ASP A 26 17.89 3.01 -9.99
CA ASP A 26 19.01 3.79 -10.49
C ASP A 26 18.61 5.19 -10.79
N LEU A 27 17.44 5.32 -11.35
CA LEU A 27 16.88 6.57 -11.70
C LEU A 27 16.48 7.34 -10.47
N LEU A 28 16.09 6.65 -9.41
CA LEU A 28 15.68 7.30 -8.18
C LEU A 28 16.89 7.95 -7.54
N ASP A 29 17.92 7.17 -7.45
CA ASP A 29 19.23 7.60 -6.93
C ASP A 29 19.69 8.89 -7.59
N ARG A 30 19.60 8.99 -8.90
CA ARG A 30 20.03 10.21 -9.54
C ARG A 30 19.15 11.42 -9.25
N ALA A 31 17.86 11.26 -8.95
CA ALA A 31 17.02 12.39 -8.54
C ALA A 31 17.33 12.88 -7.10
N GLY A 32 18.10 12.11 -6.33
CA GLY A 32 18.38 12.49 -4.96
C GLY A 32 17.45 11.86 -3.94
N VAL A 33 16.67 10.86 -4.36
CA VAL A 33 15.84 10.11 -3.43
C VAL A 33 16.74 9.38 -2.43
N LYS A 34 16.37 9.42 -1.15
CA LYS A 34 17.31 8.96 -0.14
C LYS A 34 17.07 7.53 0.28
N GLY A 35 15.96 6.95 -0.17
CA GLY A 35 15.68 5.56 0.15
C GLY A 35 14.49 5.04 -0.62
N TYR A 36 14.27 3.74 -0.59
CA TYR A 36 13.17 3.14 -1.26
C TYR A 36 13.05 1.76 -0.69
N THR A 37 11.88 1.17 -0.78
CA THR A 37 11.69 -0.16 -0.27
C THR A 37 10.99 -0.89 -1.37
N ILE A 38 11.33 -2.14 -1.58
CA ILE A 38 10.77 -2.89 -2.68
C ILE A 38 9.96 -4.09 -2.31
N VAL A 39 8.75 -4.15 -2.82
CA VAL A 39 7.83 -5.25 -2.58
C VAL A 39 7.83 -6.17 -3.73
N GLY A 40 8.13 -7.42 -3.47
CA GLY A 40 8.25 -8.38 -4.51
C GLY A 40 7.22 -9.45 -4.68
N ASN A 41 7.42 -10.20 -5.75
CA ASN A 41 6.60 -11.30 -6.16
C ASN A 41 5.14 -10.90 -6.21
N LEU A 42 4.81 -9.96 -7.06
CA LEU A 42 3.46 -9.52 -7.19
C LEU A 42 2.81 -10.17 -8.37
N SER A 43 1.50 -10.03 -8.48
CA SER A 43 0.68 -10.50 -9.57
C SER A 43 -0.24 -9.32 -9.90
N GLY A 44 -0.75 -9.20 -11.11
CA GLY A 44 -1.51 -8.04 -11.54
C GLY A 44 -2.28 -8.26 -12.83
N LYS A 45 -3.29 -7.46 -13.02
CA LYS A 45 -4.04 -7.51 -14.21
C LYS A 45 -3.90 -6.14 -14.79
N GLY A 46 -3.60 -6.09 -16.06
CA GLY A 46 -3.43 -4.83 -16.74
C GLY A 46 -3.92 -4.89 -18.15
N SER A 47 -3.57 -3.89 -18.94
CA SER A 47 -3.98 -3.82 -20.32
C SER A 47 -3.34 -4.97 -21.04
N HIS A 48 -2.20 -5.37 -20.57
CA HIS A 48 -1.45 -6.47 -21.13
C HIS A 48 -2.06 -7.80 -20.70
N GLY A 49 -3.07 -7.72 -19.86
CA GLY A 49 -3.77 -8.89 -19.36
C GLY A 49 -3.12 -10.05 -18.61
N MET A 50 -2.68 -9.85 -17.36
CA MET A 50 -2.15 -10.93 -16.48
C MET A 50 -0.67 -11.16 -16.15
N TYR A 51 -0.43 -11.52 -14.91
CA TYR A 51 0.90 -11.78 -14.35
C TYR A 51 0.69 -12.59 -13.07
N GLU A 52 1.75 -13.18 -12.54
CA GLU A 52 1.69 -13.96 -11.30
C GLU A 52 3.02 -14.09 -10.58
N ALA A 62 8.67 -11.68 -12.37
CA ALA A 62 7.50 -10.89 -12.19
C ALA A 62 7.56 -9.40 -12.05
N LEU A 63 6.52 -8.96 -11.43
CA LEU A 63 6.23 -7.55 -11.10
C LEU A 63 6.78 -7.21 -9.72
N ILE A 64 7.20 -5.95 -9.55
CA ILE A 64 7.53 -5.45 -8.22
C ILE A 64 6.86 -4.09 -7.99
N MET A 65 6.77 -3.67 -6.73
CA MET A 65 6.35 -2.35 -6.41
C MET A 65 7.44 -1.65 -5.59
N ILE A 66 7.86 -0.49 -6.07
CA ILE A 66 8.86 0.30 -5.41
C ILE A 66 8.14 1.43 -4.67
N ILE A 67 8.33 1.46 -3.35
CA ILE A 67 7.78 2.50 -2.49
C ILE A 67 8.86 3.54 -2.24
N ALA A 68 8.60 4.79 -2.59
CA ALA A 68 9.59 5.83 -2.38
C ALA A 68 8.96 7.09 -1.79
N ALA A 69 9.35 7.43 -0.56
CA ALA A 69 9.01 8.70 0.04
C ALA A 69 9.97 9.78 -0.47
N VAL A 70 9.43 10.88 -0.98
CA VAL A 70 10.24 11.87 -1.66
C VAL A 70 9.65 13.26 -1.46
N PRO A 71 10.51 14.28 -1.37
CA PRO A 71 10.04 15.65 -1.24
C PRO A 71 9.21 15.99 -2.48
N GLU A 72 8.21 16.81 -2.35
CA GLU A 72 7.33 17.12 -3.45
C GLU A 72 7.93 17.74 -4.68
N GLU A 73 9.06 18.39 -4.54
CA GLU A 73 9.69 19.03 -5.68
C GLU A 73 10.35 18.02 -6.52
N LEU A 74 10.50 16.80 -6.02
CA LEU A 74 11.13 15.77 -6.79
C LEU A 74 10.13 15.02 -7.62
N VAL A 75 8.85 15.17 -7.34
CA VAL A 75 7.86 14.43 -8.07
C VAL A 75 7.94 14.67 -9.55
N GLY A 76 7.90 15.93 -9.94
CA GLY A 76 7.94 16.31 -11.34
C GLY A 76 9.06 15.63 -12.12
N PRO A 77 10.32 15.89 -11.71
CA PRO A 77 11.50 15.27 -12.32
C PRO A 77 11.41 13.74 -12.42
N LEU A 78 10.96 13.08 -11.36
CA LEU A 78 10.88 11.62 -11.38
C LEU A 78 9.88 11.14 -12.44
N LEU A 79 8.69 11.73 -12.46
CA LEU A 79 7.66 11.36 -13.42
C LEU A 79 8.16 11.58 -14.84
N GLU A 80 8.94 12.63 -15.02
CA GLU A 80 9.54 12.98 -16.30
C GLU A 80 10.64 12.03 -16.71
N GLY A 81 11.34 11.49 -15.74
CA GLY A 81 12.40 10.55 -16.00
C GLY A 81 11.83 9.20 -16.35
N PHE A 82 10.68 8.90 -15.77
CA PHE A 82 10.02 7.65 -15.99
C PHE A 82 9.08 7.72 -17.16
N GLN A 83 8.92 8.87 -17.76
CA GLN A 83 7.99 9.01 -18.85
C GLN A 83 8.32 8.14 -20.02
N PRO A 84 9.54 8.37 -20.62
CA PRO A 84 9.84 7.50 -21.77
C PRO A 84 9.67 6.02 -21.51
N PHE A 85 9.87 5.58 -20.29
CA PHE A 85 9.72 4.18 -19.95
C PHE A 85 8.31 3.58 -19.97
N PHE A 86 7.36 4.21 -19.28
CA PHE A 86 6.01 3.79 -19.12
C PHE A 86 5.26 4.03 -20.40
N GLU A 87 5.86 4.77 -21.31
CA GLU A 87 5.24 4.97 -22.59
C GLU A 87 5.66 3.84 -23.54
N ALA A 88 6.47 2.92 -23.08
CA ALA A 88 6.92 1.80 -23.88
C ALA A 88 6.93 0.52 -23.08
N HIS A 89 6.51 0.59 -21.84
CA HIS A 89 6.47 -0.56 -20.96
C HIS A 89 5.30 -0.50 -20.01
N SER A 90 4.95 -1.65 -19.52
CA SER A 90 3.89 -1.83 -18.57
C SER A 90 4.20 -1.16 -17.28
N GLY A 91 3.19 -0.72 -16.56
CA GLY A 91 3.42 -0.10 -15.28
C GLY A 91 2.68 1.15 -14.95
N VAL A 92 2.67 1.51 -13.69
CA VAL A 92 1.97 2.65 -13.24
C VAL A 92 2.65 3.30 -12.05
N VAL A 93 2.49 4.60 -11.92
CA VAL A 93 2.94 5.33 -10.73
C VAL A 93 1.76 5.99 -10.06
N PHE A 94 1.56 5.69 -8.77
CA PHE A 94 0.57 6.36 -7.93
C PHE A 94 1.26 7.34 -6.98
N VAL A 95 0.84 8.60 -6.98
CA VAL A 95 1.43 9.61 -6.10
C VAL A 95 0.52 9.84 -4.91
N HIS A 96 1.06 9.67 -3.70
CA HIS A 96 0.28 9.82 -2.45
C HIS A 96 0.73 11.05 -1.67
N ASP A 97 -0.17 11.66 -0.93
CA ASP A 97 0.21 12.57 0.15
C ASP A 97 0.44 11.79 1.44
N ILE A 98 1.50 12.13 2.16
CA ILE A 98 1.79 11.52 3.46
C ILE A 98 2.42 12.54 4.39
N GLN A 99 2.50 12.17 5.67
CA GLN A 99 3.19 12.97 6.69
C GLN A 99 4.30 12.12 7.32
N VAL A 100 5.38 12.70 7.74
CA VAL A 100 6.36 11.91 8.42
C VAL A 100 6.69 12.69 9.65
N GLY A 101 7.20 12.04 10.65
CA GLY A 101 7.56 12.70 11.86
C GLY A 101 9.02 13.09 11.88
N ALA B 3 5.47 19.93 -16.81
CA ALA B 3 5.04 19.42 -18.11
C ALA B 3 3.99 18.32 -17.96
N ILE B 4 4.26 17.39 -17.04
CA ILE B 4 3.36 16.28 -16.79
C ILE B 4 2.28 16.62 -15.76
N LYS B 5 1.05 16.75 -16.24
N LYS B 5 1.05 16.72 -16.24
CA LYS B 5 -0.09 17.03 -15.39
CA LYS B 5 -0.09 17.06 -15.39
C LYS B 5 -0.48 15.81 -14.57
C LYS B 5 -0.56 15.83 -14.60
N LEU B 6 -0.93 16.04 -13.35
CA LEU B 6 -1.43 14.97 -12.50
C LEU B 6 -2.94 15.11 -12.32
N TYR B 7 -3.63 13.98 -12.23
CA TYR B 7 -5.08 13.99 -12.07
C TYR B 7 -5.49 13.19 -10.82
N PRO B 8 -6.63 13.55 -10.19
CA PRO B 8 -7.04 12.86 -8.96
C PRO B 8 -7.67 11.51 -9.27
N LEU B 9 -7.45 10.56 -8.39
CA LEU B 9 -8.06 9.25 -8.53
C LEU B 9 -8.12 8.67 -7.13
N LYS B 10 -8.75 7.52 -6.99
CA LYS B 10 -8.82 6.82 -5.70
C LYS B 10 -8.03 5.54 -5.79
N LYS B 11 -7.51 5.08 -4.66
CA LYS B 11 -6.88 3.78 -4.64
C LYS B 11 -7.39 2.92 -3.47
N LEU B 12 -7.89 1.74 -3.80
CA LEU B 12 -8.33 0.77 -2.80
C LEU B 12 -7.21 -0.18 -2.35
N GLU B 13 -7.15 -0.42 -1.05
CA GLU B 13 -6.42 -1.57 -0.55
C GLU B 13 -7.45 -2.53 0.03
N ILE B 14 -7.60 -3.69 -0.60
CA ILE B 14 -8.57 -4.69 -0.17
C ILE B 14 -7.87 -5.90 0.42
N ILE B 15 -8.06 -6.14 1.70
CA ILE B 15 -7.44 -7.23 2.39
C ILE B 15 -8.42 -8.31 2.77
N LEU B 16 -8.15 -9.53 2.34
CA LEU B 16 -9.01 -10.69 2.58
C LEU B 16 -8.32 -12.03 2.41
N GLU B 17 -8.99 -13.09 2.82
CA GLU B 17 -8.44 -14.42 2.69
C GLU B 17 -8.29 -14.77 1.22
N GLY B 18 -7.20 -15.41 0.90
CA GLY B 18 -6.87 -15.74 -0.47
C GLY B 18 -7.87 -16.62 -1.17
N ALA B 19 -8.61 -17.45 -0.43
CA ALA B 19 -9.59 -18.34 -1.04
C ALA B 19 -10.73 -17.55 -1.71
N HIS B 20 -10.89 -16.30 -1.32
CA HIS B 20 -11.92 -15.45 -1.88
C HIS B 20 -11.41 -14.50 -2.94
N LYS B 21 -10.23 -14.76 -3.49
CA LYS B 21 -9.64 -13.85 -4.47
C LYS B 21 -10.55 -13.67 -5.69
N GLU B 22 -11.09 -14.77 -6.20
CA GLU B 22 -11.88 -14.71 -7.42
C GLU B 22 -13.17 -13.91 -7.22
N PHE B 23 -13.86 -14.13 -6.09
CA PHE B 23 -14.99 -13.26 -5.72
C PHE B 23 -14.59 -11.79 -5.80
N ALA B 24 -13.45 -11.47 -5.22
CA ALA B 24 -13.03 -10.08 -5.15
C ALA B 24 -12.69 -9.52 -6.54
N THR B 25 -11.92 -10.25 -7.33
CA THR B 25 -11.54 -9.73 -8.65
C THR B 25 -12.74 -9.69 -9.60
N ASP B 26 -13.69 -10.61 -9.47
CA ASP B 26 -14.92 -10.55 -10.28
C ASP B 26 -15.67 -9.23 -10.08
N LEU B 27 -15.71 -8.77 -8.84
CA LEU B 27 -16.33 -7.51 -8.47
C LEU B 27 -15.62 -6.34 -9.14
N LEU B 28 -14.28 -6.34 -9.09
CA LEU B 28 -13.50 -5.32 -9.77
C LEU B 28 -13.77 -5.36 -11.30
N ASP B 29 -13.66 -6.53 -11.93
CA ASP B 29 -13.89 -6.63 -13.38
C ASP B 29 -15.28 -6.18 -13.75
N ARG B 30 -16.28 -6.61 -12.99
CA ARG B 30 -17.65 -6.22 -13.30
C ARG B 30 -17.85 -4.70 -13.18
N ALA B 31 -17.27 -4.08 -12.16
CA ALA B 31 -17.42 -2.64 -11.97
C ALA B 31 -16.74 -1.80 -13.06
N GLY B 32 -15.90 -2.42 -13.89
CA GLY B 32 -15.18 -1.69 -14.91
C GLY B 32 -13.79 -1.25 -14.49
N VAL B 33 -13.29 -1.79 -13.38
CA VAL B 33 -11.91 -1.54 -12.97
C VAL B 33 -10.96 -2.08 -14.03
N LYS B 34 -9.93 -1.32 -14.39
CA LYS B 34 -9.15 -1.68 -15.56
C LYS B 34 -7.89 -2.45 -15.19
N GLY B 35 -7.57 -2.52 -13.91
CA GLY B 35 -6.42 -3.29 -13.48
C GLY B 35 -6.36 -3.42 -11.97
N TYR B 36 -5.43 -4.25 -11.51
CA TYR B 36 -5.20 -4.39 -10.08
C TYR B 36 -3.90 -5.12 -9.84
N THR B 37 -3.37 -4.94 -8.65
CA THR B 37 -2.11 -5.55 -8.27
C THR B 37 -2.31 -6.33 -6.97
N ILE B 38 -1.80 -7.54 -6.90
CA ILE B 38 -2.08 -8.39 -5.74
C ILE B 38 -0.81 -8.73 -4.99
N VAL B 39 -0.80 -8.34 -3.71
CA VAL B 39 0.31 -8.61 -2.81
C VAL B 39 -0.04 -9.87 -2.02
N GLY B 40 0.83 -10.87 -2.09
CA GLY B 40 0.50 -12.18 -1.58
C GLY B 40 1.19 -12.59 -0.29
N ASN B 41 0.73 -13.73 0.26
CA ASN B 41 1.30 -14.34 1.45
C ASN B 41 1.53 -13.34 2.60
N LEU B 42 0.43 -12.75 3.05
CA LEU B 42 0.46 -11.76 4.13
C LEU B 42 0.19 -12.44 5.46
N SER B 43 0.53 -11.73 6.55
CA SER B 43 0.07 -12.06 7.89
C SER B 43 -0.63 -10.87 8.48
N GLY B 44 -1.44 -11.10 9.51
CA GLY B 44 -2.26 -10.04 10.06
C GLY B 44 -2.88 -10.38 11.41
N LYS B 45 -3.37 -9.39 12.08
CA LYS B 45 -4.05 -9.65 13.30
C LYS B 45 -5.38 -8.99 13.12
N GLY B 46 -6.40 -9.78 13.37
CA GLY B 46 -7.77 -9.37 13.26
C GLY B 46 -8.50 -9.50 14.58
N SER B 47 -9.78 -9.23 14.55
CA SER B 47 -10.60 -9.27 15.73
C SER B 47 -10.59 -10.58 16.42
N HIS B 48 -10.37 -11.61 15.66
CA HIS B 48 -10.36 -12.92 16.21
C HIS B 48 -9.27 -13.74 15.59
N GLY B 49 -8.08 -13.69 16.16
CA GLY B 49 -6.97 -14.47 15.62
C GLY B 49 -5.93 -13.89 14.70
N MET B 50 -4.86 -14.66 14.52
CA MET B 50 -3.76 -14.32 13.67
C MET B 50 -3.88 -15.02 12.34
N TYR B 51 -3.26 -14.48 11.33
CA TYR B 51 -3.32 -15.02 10.03
C TYR B 51 -1.89 -15.05 9.71
N GLU B 52 -1.36 -16.20 9.40
CA GLU B 52 0.02 -16.32 9.06
C GLU B 52 0.10 -17.24 7.90
N GLY B 53 0.18 -16.70 6.71
CA GLY B 53 0.18 -17.58 5.55
C GLY B 53 1.42 -18.39 5.38
N HIS B 54 2.48 -18.03 6.10
CA HIS B 54 3.67 -18.85 6.02
C HIS B 54 3.25 -20.24 6.54
N LEU B 55 2.25 -20.25 7.42
CA LEU B 55 1.69 -21.45 8.02
C LEU B 55 0.68 -22.16 7.15
N MET B 56 0.22 -21.53 6.07
CA MET B 56 -0.79 -22.17 5.23
C MET B 56 -0.25 -23.32 4.39
N PHE B 57 -1.10 -24.30 4.16
CA PHE B 57 -0.74 -25.46 3.36
C PHE B 57 -0.88 -25.16 1.88
N ASN B 58 -1.95 -24.51 1.47
CA ASN B 58 -2.09 -24.11 0.12
C ASN B 58 -1.83 -22.65 0.20
N GLU B 59 -0.83 -22.17 -0.49
CA GLU B 59 -0.48 -20.78 -0.42
C GLU B 59 -1.59 -19.82 -0.89
N ASP B 60 -2.52 -20.32 -1.68
CA ASP B 60 -3.62 -19.57 -2.25
C ASP B 60 -4.64 -19.44 -1.18
N ASP B 61 -4.25 -19.61 0.06
CA ASP B 61 -5.16 -19.58 1.19
C ASP B 61 -4.75 -18.45 2.16
N ALA B 62 -3.49 -18.03 2.16
CA ALA B 62 -3.00 -16.92 2.99
C ALA B 62 -3.75 -15.63 2.68
N LEU B 63 -3.75 -14.67 3.60
CA LEU B 63 -4.28 -13.34 3.33
C LEU B 63 -3.61 -12.75 2.08
N ILE B 64 -4.35 -11.95 1.33
CA ILE B 64 -3.76 -11.14 0.26
C ILE B 64 -4.25 -9.69 0.35
N MET B 65 -3.53 -8.79 -0.31
CA MET B 65 -4.01 -7.45 -0.46
C MET B 65 -4.10 -7.11 -1.95
N ILE B 66 -5.28 -6.66 -2.35
CA ILE B 66 -5.54 -6.26 -3.72
C ILE B 66 -5.49 -4.75 -3.79
N ILE B 67 -4.57 -4.23 -4.62
CA ILE B 67 -4.42 -2.80 -4.85
C ILE B 67 -5.15 -2.46 -6.13
N ALA B 68 -6.10 -1.54 -6.06
CA ALA B 68 -6.85 -1.16 -7.25
C ALA B 68 -7.02 0.34 -7.35
N ALA B 69 -6.41 0.94 -8.38
CA ALA B 69 -6.66 2.34 -8.73
C ALA B 69 -7.95 2.44 -9.53
N VAL B 70 -8.85 3.31 -9.11
CA VAL B 70 -10.18 3.34 -9.69
C VAL B 70 -10.72 4.77 -9.66
N PRO B 71 -11.51 5.15 -10.68
CA PRO B 71 -12.13 6.47 -10.70
C PRO B 71 -13.04 6.58 -9.48
N GLU B 72 -13.22 7.79 -8.96
CA GLU B 72 -13.94 7.95 -7.72
C GLU B 72 -15.35 7.39 -7.83
N GLU B 73 -15.96 7.46 -9.02
CA GLU B 73 -17.34 7.05 -9.18
C GLU B 73 -17.51 5.53 -9.23
N LEU B 74 -16.42 4.78 -9.13
CA LEU B 74 -16.53 3.34 -8.93
C LEU B 74 -16.45 2.97 -7.45
N VAL B 75 -16.07 3.92 -6.60
CA VAL B 75 -15.86 3.60 -5.19
C VAL B 75 -17.15 3.13 -4.50
N GLY B 76 -18.21 3.93 -4.63
CA GLY B 76 -19.51 3.59 -4.06
C GLY B 76 -19.97 2.18 -4.42
N PRO B 77 -20.15 1.92 -5.72
CA PRO B 77 -20.54 0.60 -6.23
C PRO B 77 -19.66 -0.54 -5.73
N LEU B 78 -18.35 -0.35 -5.72
CA LEU B 78 -17.45 -1.42 -5.26
C LEU B 78 -17.67 -1.74 -3.79
N LEU B 79 -17.74 -0.71 -2.95
CA LEU B 79 -17.96 -0.90 -1.51
C LEU B 79 -19.28 -1.59 -1.27
N GLU B 80 -20.29 -1.24 -2.06
CA GLU B 80 -21.60 -1.87 -1.97
C GLU B 80 -21.51 -3.39 -2.13
N GLY B 81 -20.69 -3.86 -3.06
CA GLY B 81 -20.54 -5.29 -3.24
C GLY B 81 -19.66 -5.92 -2.18
N PHE B 82 -18.71 -5.15 -1.67
CA PHE B 82 -17.80 -5.69 -0.68
C PHE B 82 -18.42 -5.71 0.73
N GLN B 83 -19.59 -5.10 0.89
CA GLN B 83 -20.21 -5.00 2.21
C GLN B 83 -20.71 -6.34 2.76
N PRO B 84 -21.68 -6.97 2.07
CA PRO B 84 -22.22 -8.22 2.60
C PRO B 84 -21.14 -9.27 2.74
N PHE B 85 -20.13 -9.20 1.87
CA PHE B 85 -19.01 -10.11 1.96
C PHE B 85 -18.26 -9.91 3.29
N PHE B 86 -17.89 -8.67 3.59
CA PHE B 86 -17.12 -8.43 4.81
C PHE B 86 -17.96 -8.50 6.09
N GLU B 87 -19.28 -8.60 5.97
CA GLU B 87 -20.15 -8.85 7.12
C GLU B 87 -20.08 -10.32 7.49
N ALA B 88 -19.69 -11.14 6.53
CA ALA B 88 -19.69 -12.58 6.71
C ALA B 88 -18.29 -13.16 6.65
N HIS B 89 -17.31 -12.34 6.24
CA HIS B 89 -15.92 -12.79 6.15
C HIS B 89 -14.92 -11.76 6.68
N SER B 90 -13.72 -12.26 6.99
CA SER B 90 -12.59 -11.46 7.39
C SER B 90 -12.17 -10.43 6.33
N GLY B 91 -11.76 -9.26 6.76
CA GLY B 91 -11.09 -8.34 5.86
C GLY B 91 -11.52 -6.89 5.98
N VAL B 92 -10.89 -6.04 5.17
CA VAL B 92 -11.10 -4.59 5.24
C VAL B 92 -10.76 -3.92 3.92
N VAL B 93 -11.33 -2.73 3.72
CA VAL B 93 -11.01 -1.89 2.58
C VAL B 93 -10.60 -0.51 3.04
N PHE B 94 -9.40 -0.08 2.64
CA PHE B 94 -8.93 1.29 2.85
C PHE B 94 -8.99 2.10 1.56
N VAL B 95 -9.66 3.24 1.58
CA VAL B 95 -9.77 4.10 0.39
C VAL B 95 -8.78 5.25 0.48
N HIS B 96 -7.91 5.38 -0.52
CA HIS B 96 -6.88 6.42 -0.54
C HIS B 96 -7.17 7.45 -1.62
N ASP B 97 -6.74 8.69 -1.40
CA ASP B 97 -6.60 9.65 -2.49
C ASP B 97 -5.22 9.52 -3.13
N ILE B 98 -5.18 9.56 -4.46
CA ILE B 98 -3.91 9.53 -5.20
C ILE B 98 -4.00 10.39 -6.44
N GLN B 99 -2.85 10.63 -7.07
CA GLN B 99 -2.76 11.33 -8.34
C GLN B 99 -2.07 10.42 -9.37
N VAL B 100 -2.48 10.51 -10.62
CA VAL B 100 -1.92 9.70 -11.69
C VAL B 100 -1.62 10.59 -12.90
N GLY B 101 -0.79 10.09 -13.80
CA GLY B 101 -0.43 10.86 -14.98
C GLY B 101 -1.41 10.62 -16.12
N ARG B 102 -2.08 9.48 -16.10
CA ARG B 102 -2.85 9.06 -17.27
C ARG B 102 -4.24 8.52 -16.92
N PRO B 103 -5.22 9.42 -16.70
CA PRO B 103 -6.59 9.04 -16.36
C PRO B 103 -7.17 7.96 -17.28
N ILE B 104 -6.88 8.06 -18.57
CA ILE B 104 -7.41 7.14 -19.57
C ILE B 104 -6.98 5.70 -19.34
N LYS B 105 -5.91 5.48 -18.61
CA LYS B 105 -5.47 4.15 -18.31
C LYS B 105 -6.26 3.51 -17.21
N PHE B 106 -7.02 4.33 -16.54
CA PHE B 106 -7.73 3.85 -15.34
C PHE B 106 -9.24 3.96 -15.46
N ARG B 107 -9.70 4.81 -16.39
CA ARG B 107 -11.10 5.15 -16.57
C ARG B 107 -11.45 5.17 -18.05
N LYS C 5 -21.15 7.71 3.04
CA LYS C 5 -20.97 6.33 3.37
C LYS C 5 -19.53 6.02 3.79
N LEU C 6 -18.69 7.04 3.91
CA LEU C 6 -17.27 6.89 4.26
C LEU C 6 -16.79 7.80 5.38
N TYR C 7 -15.91 7.31 6.24
CA TYR C 7 -15.47 8.12 7.36
C TYR C 7 -13.97 8.24 7.35
N PRO C 8 -13.42 9.30 7.91
CA PRO C 8 -11.98 9.53 7.84
C PRO C 8 -11.22 8.68 8.86
N LEU C 9 -10.03 8.26 8.50
CA LEU C 9 -9.19 7.50 9.40
C LEU C 9 -7.76 7.74 8.92
N LYS C 10 -6.80 7.24 9.68
CA LYS C 10 -5.39 7.34 9.29
C LYS C 10 -4.86 5.95 8.99
N LYS C 11 -3.86 5.86 8.12
CA LYS C 11 -3.21 4.58 7.91
C LYS C 11 -1.68 4.73 8.00
N LEU C 12 -1.08 3.93 8.88
CA LEU C 12 0.38 3.87 9.01
C LEU C 12 1.01 2.82 8.09
N GLU C 13 2.19 3.13 7.63
CA GLU C 13 2.98 2.18 6.94
C GLU C 13 4.26 2.24 7.75
N ILE C 14 4.54 1.18 8.48
CA ILE C 14 5.70 1.06 9.33
C ILE C 14 6.71 0.12 8.74
N ILE C 15 7.81 0.64 8.25
CA ILE C 15 8.85 -0.17 7.67
C ILE C 15 10.05 -0.35 8.60
N LEU C 16 10.46 -1.58 8.83
CA LEU C 16 11.57 -1.89 9.72
C LEU C 16 12.08 -3.31 9.59
N GLU C 17 13.16 -3.63 10.28
CA GLU C 17 13.72 -4.96 10.23
C GLU C 17 12.81 -5.93 10.88
N GLY C 18 12.77 -7.13 10.37
CA GLY C 18 11.87 -8.17 10.84
C GLY C 18 12.12 -8.65 12.24
N ALA C 19 13.37 -8.57 12.71
CA ALA C 19 13.70 -9.05 14.05
C ALA C 19 13.00 -8.21 15.13
N HIS C 20 12.56 -7.01 14.77
CA HIS C 20 11.88 -6.12 15.67
C HIS C 20 10.37 -6.13 15.52
N LYS C 21 9.83 -7.16 14.86
CA LYS C 21 8.39 -7.20 14.61
C LYS C 21 7.59 -7.18 15.91
N GLU C 22 8.02 -7.97 16.89
CA GLU C 22 7.26 -8.09 18.13
C GLU C 22 7.24 -6.77 18.92
N PHE C 23 8.38 -6.09 19.00
CA PHE C 23 8.43 -4.72 19.55
C PHE C 23 7.36 -3.86 18.89
N ALA C 24 7.32 -3.90 17.56
CA ALA C 24 6.42 -3.03 16.82
C ALA C 24 4.94 -3.39 17.07
N THR C 25 4.61 -4.68 17.00
CA THR C 25 3.21 -5.07 17.18
C THR C 25 2.76 -4.88 18.65
N ASP C 26 3.66 -5.05 19.60
CA ASP C 26 3.32 -4.78 21.00
C ASP C 26 2.85 -3.33 21.21
N LEU C 27 3.50 -2.41 20.52
CA LEU C 27 3.17 -0.99 20.54
C LEU C 27 1.76 -0.77 19.98
N LEU C 28 1.48 -1.40 18.85
CA LEU C 28 0.15 -1.31 18.25
C LEU C 28 -0.91 -1.89 19.22
N ASP C 29 -0.66 -3.09 19.74
CA ASP C 29 -1.59 -3.70 20.67
C ASP C 29 -1.71 -2.81 21.90
N ARG C 30 -0.61 -2.63 22.59
CA ARG C 30 -0.64 -1.81 23.78
C ARG C 30 -1.34 -0.48 23.59
N ALA C 31 -1.34 0.05 22.40
CA ALA C 31 -1.98 1.33 22.17
C ALA C 31 -3.44 1.29 21.85
N GLY C 32 -3.96 0.13 21.58
CA GLY C 32 -5.37 0.04 21.27
C GLY C 32 -5.70 -0.20 19.83
N VAL C 33 -4.68 -0.38 19.01
CA VAL C 33 -4.88 -0.61 17.61
C VAL C 33 -5.59 -1.94 17.50
N LYS C 34 -6.65 -2.00 16.73
CA LYS C 34 -7.41 -3.23 16.61
C LYS C 34 -6.98 -4.21 15.52
N GLY C 35 -6.12 -3.80 14.63
CA GLY C 35 -5.66 -4.70 13.59
C GLY C 35 -4.44 -4.26 12.82
N TYR C 36 -3.83 -5.15 12.08
CA TYR C 36 -2.65 -4.85 11.29
C TYR C 36 -2.34 -5.89 10.23
N THR C 37 -1.76 -5.46 9.12
CA THR C 37 -1.41 -6.35 8.04
C THR C 37 0.10 -6.25 7.78
N ILE C 38 0.76 -7.38 7.63
CA ILE C 38 2.22 -7.35 7.50
C ILE C 38 2.68 -7.88 6.17
N VAL C 39 3.39 -7.02 5.44
CA VAL C 39 3.96 -7.36 4.15
C VAL C 39 5.41 -7.78 4.38
N GLY C 40 5.75 -8.99 3.93
CA GLY C 40 7.03 -9.57 4.29
C GLY C 40 8.08 -9.64 3.20
N ASN C 41 9.29 -10.02 3.60
CA ASN C 41 10.43 -10.22 2.71
C ASN C 41 10.62 -9.07 1.71
N LEU C 42 10.86 -7.88 2.25
CA LEU C 42 11.06 -6.67 1.47
C LEU C 42 12.55 -6.44 1.22
N SER C 43 12.86 -5.51 0.35
CA SER C 43 14.22 -5.12 0.06
C SER C 43 14.21 -3.62 0.08
N GLY C 44 15.34 -3.03 0.40
CA GLY C 44 15.47 -1.60 0.46
C GLY C 44 16.87 -1.03 0.48
N LYS C 45 16.94 0.26 0.30
CA LYS C 45 18.18 0.97 0.30
C LYS C 45 18.07 2.03 1.34
N GLY C 46 17.24 3.02 1.11
CA GLY C 46 17.07 4.08 2.08
C GLY C 46 18.34 4.60 2.74
N MET C 56 16.15 4.48 7.93
CA MET C 56 17.01 3.66 7.13
C MET C 56 16.21 2.57 6.44
N PHE C 57 15.10 2.92 5.80
CA PHE C 57 14.31 1.87 5.12
C PHE C 57 14.95 1.33 3.86
N ALA C 62 16.56 -8.10 6.16
CA ALA C 62 15.19 -8.57 6.06
C ALA C 62 14.14 -7.59 6.53
N LEU C 63 13.54 -6.89 5.58
CA LEU C 63 12.54 -5.91 5.92
C LEU C 63 11.10 -6.32 5.82
N ILE C 64 10.29 -5.70 6.65
CA ILE C 64 8.85 -5.88 6.63
C ILE C 64 8.13 -4.53 6.69
N MET C 65 6.90 -4.50 6.21
CA MET C 65 6.08 -3.33 6.33
C MET C 65 4.79 -3.71 7.04
N ILE C 66 4.50 -2.97 8.12
CA ILE C 66 3.30 -3.17 8.89
C ILE C 66 2.30 -2.09 8.49
N ILE C 67 1.14 -2.52 8.00
CA ILE C 67 0.05 -1.63 7.63
C ILE C 67 -0.94 -1.60 8.78
N ALA C 68 -1.21 -0.41 9.30
CA ALA C 68 -2.16 -0.30 10.41
C ALA C 68 -3.11 0.87 10.21
N ALA C 69 -4.40 0.56 10.05
CA ALA C 69 -5.45 1.56 10.07
C ALA C 69 -5.80 1.90 11.51
N VAL C 70 -5.78 3.19 11.85
CA VAL C 70 -5.91 3.60 13.24
C VAL C 70 -6.63 4.94 13.32
N PRO C 71 -7.44 5.14 14.38
CA PRO C 71 -8.10 6.43 14.56
C PRO C 71 -7.03 7.50 14.71
N GLU C 72 -7.34 8.73 14.31
CA GLU C 72 -6.32 9.76 14.26
C GLU C 72 -5.71 9.98 15.64
N GLU C 73 -6.50 9.78 16.70
CA GLU C 73 -6.02 10.08 18.05
C GLU C 73 -5.09 9.01 18.60
N LEU C 74 -4.82 7.96 17.83
CA LEU C 74 -3.76 7.01 18.19
C LEU C 74 -2.45 7.38 17.50
N VAL C 75 -2.49 8.29 16.53
CA VAL C 75 -1.28 8.57 15.76
C VAL C 75 -0.16 9.15 16.62
N GLY C 76 -0.47 10.21 17.37
CA GLY C 76 0.48 10.85 18.27
C GLY C 76 1.18 9.85 19.18
N PRO C 77 0.41 9.16 20.03
CA PRO C 77 0.94 8.13 20.95
C PRO C 77 1.79 7.07 20.25
N LEU C 78 1.35 6.58 19.10
CA LEU C 78 2.12 5.56 18.39
C LEU C 78 3.48 6.09 17.95
N LEU C 79 3.50 7.27 17.34
CA LEU C 79 4.75 7.88 16.87
C LEU C 79 5.69 8.11 18.04
N GLU C 80 5.12 8.51 19.18
CA GLU C 80 5.89 8.70 20.40
C GLU C 80 6.69 7.47 20.78
N GLY C 81 6.08 6.29 20.68
CA GLY C 81 6.78 5.06 20.99
C GLY C 81 7.74 4.64 19.89
N PHE C 82 7.42 4.98 18.66
CA PHE C 82 8.27 4.58 17.55
C PHE C 82 9.49 5.51 17.40
N GLN C 83 9.53 6.60 18.15
CA GLN C 83 10.62 7.58 18.01
C GLN C 83 11.97 7.06 18.50
N PRO C 84 12.09 6.76 19.80
CA PRO C 84 13.38 6.31 20.32
C PRO C 84 13.85 5.07 19.60
N PHE C 85 12.91 4.23 19.17
CA PHE C 85 13.26 3.06 18.41
C PHE C 85 13.95 3.43 17.09
N PHE C 86 13.33 4.32 16.32
CA PHE C 86 13.89 4.67 15.02
C PHE C 86 15.11 5.61 15.12
N GLU C 87 15.41 6.12 16.32
CA GLU C 87 16.64 6.87 16.56
C GLU C 87 17.80 5.91 16.69
N ALA C 88 17.49 4.67 17.04
CA ALA C 88 18.51 3.68 17.31
C ALA C 88 18.47 2.52 16.31
N HIS C 89 17.41 2.47 15.49
CA HIS C 89 17.27 1.43 14.47
C HIS C 89 16.80 1.94 13.12
N SER C 90 17.04 1.12 12.10
CA SER C 90 16.57 1.36 10.74
C SER C 90 15.04 1.45 10.66
N GLY C 91 14.53 2.33 9.80
CA GLY C 91 13.14 2.28 9.45
C GLY C 91 12.44 3.63 9.38
N VAL C 92 11.17 3.65 9.00
CA VAL C 92 10.39 4.85 8.86
C VAL C 92 8.91 4.61 9.06
N VAL C 93 8.13 5.66 9.20
CA VAL C 93 6.70 5.52 9.33
C VAL C 93 5.99 6.47 8.40
N PHE C 94 5.18 5.98 7.48
CA PHE C 94 4.42 6.86 6.63
C PHE C 94 2.96 6.93 7.13
N VAL C 95 2.47 8.13 7.33
CA VAL C 95 1.13 8.36 7.80
C VAL C 95 0.25 8.81 6.67
N HIS C 96 -0.85 8.13 6.43
CA HIS C 96 -1.74 8.47 5.37
C HIS C 96 -3.13 8.83 5.78
N ASP C 97 -3.82 9.66 4.99
CA ASP C 97 -5.26 9.82 5.16
C ASP C 97 -6.00 8.76 4.35
N ILE C 98 -7.04 8.18 4.94
CA ILE C 98 -7.89 7.21 4.24
C ILE C 98 -9.32 7.33 4.70
N GLN C 99 -10.22 6.68 3.97
CA GLN C 99 -11.64 6.58 4.34
C GLN C 99 -12.01 5.10 4.49
N VAL C 100 -12.93 4.85 5.39
CA VAL C 100 -13.45 3.52 5.63
C VAL C 100 -14.94 3.63 5.73
N GLY C 101 -15.62 2.52 5.60
CA GLY C 101 -17.04 2.49 5.68
C GLY C 101 -17.61 2.42 7.07
N ARG C 102 -16.98 1.69 7.96
CA ARG C 102 -17.49 1.55 9.29
C ARG C 102 -16.38 1.68 10.28
N PRO C 103 -16.10 2.86 10.79
CA PRO C 103 -14.95 2.95 11.69
C PRO C 103 -14.97 2.13 12.95
N ILE C 104 -16.12 1.76 13.47
CA ILE C 104 -16.18 1.00 14.70
C ILE C 104 -15.22 -0.15 14.68
N LYS C 105 -15.02 -0.69 13.51
CA LYS C 105 -14.13 -1.79 13.37
C LYS C 105 -12.71 -1.40 13.70
N PHE C 106 -12.45 -0.11 13.75
CA PHE C 106 -11.12 0.35 14.01
C PHE C 106 -10.99 1.07 15.33
P AMP D . -0.37 -2.32 -17.64
O1P AMP D . 0.44 -1.18 -17.44
O2P AMP D . -1.72 -2.05 -18.02
O3P AMP D . 0.32 -3.30 -18.40
O5' AMP D . -0.48 -2.97 -16.25
C5' AMP D . 0.65 -3.55 -15.67
C4' AMP D . 0.52 -3.75 -14.19
O4' AMP D . 0.29 -2.56 -13.49
C3' AMP D . -0.60 -4.68 -13.81
O3' AMP D . -0.25 -6.02 -13.87
C2' AMP D . -0.87 -4.25 -12.42
O2' AMP D . -0.06 -4.94 -11.49
C1' AMP D . -0.54 -2.79 -12.38
N9 AMP D . -1.78 -2.02 -12.51
C8 AMP D . -2.24 -1.58 -13.64
N7 AMP D . -3.35 -0.91 -13.48
C5 AMP D . -3.66 -0.93 -12.24
C6 AMP D . -4.74 -0.42 -11.42
N6 AMP D . -5.75 0.25 -11.92
N1 AMP D . -4.70 -0.67 -10.14
C2 AMP D . -3.73 -1.34 -9.62
N3 AMP D . -2.72 -1.82 -10.29
C4 AMP D . -2.62 -1.66 -11.59
H5'1 AMP D . 1.51 -2.93 -15.87
H5'2 AMP D . 0.82 -4.52 -16.13
H4' AMP D . 1.46 -4.19 -13.83
H3' AMP D . -1.46 -4.48 -14.44
HO3' AMP D . 0.51 -6.19 -13.31
H2' AMP D . -1.93 -4.39 -12.20
HO2' AMP D . -0.20 -5.88 -11.60
H1' AMP D . -0.01 -2.55 -11.46
H8 AMP D . -1.75 -1.70 -14.58
HN61 AMP D . -6.48 0.59 -11.32
HN62 AMP D . -5.78 0.43 -12.90
H2 AMP D . -3.76 -1.49 -8.55
PB ADP E . -11.44 -11.60 12.19
O1B ADP E . -10.64 -12.80 12.51
O2B ADP E . -11.73 -10.73 13.37
O3B ADP E . -12.71 -11.87 11.47
PA ADP E . -10.73 -9.17 10.74
O1A ADP E . -10.87 -8.23 11.85
O2A ADP E . -11.70 -9.11 9.64
O3A ADP E . -10.56 -10.70 11.18
O5' ADP E . -9.34 -8.89 10.09
C5' ADP E . -8.78 -9.78 9.19
C4' ADP E . -7.52 -9.21 8.60
O4' ADP E . -7.73 -7.92 8.12
C3' ADP E . -6.41 -9.05 9.59
O3' ADP E . -5.65 -10.22 9.71
C2' ADP E . -5.61 -7.93 9.02
O2' ADP E . -4.69 -8.31 8.03
C1' ADP E . -6.62 -7.09 8.36
N9 ADP E . -6.93 -6.01 9.28
C8 ADP E . -7.90 -5.97 10.17
N7 ADP E . -7.87 -4.82 10.83
C5 ADP E . -6.87 -4.12 10.37
C6 ADP E . -6.29 -2.80 10.63
N6 ADP E . -6.79 -2.00 11.56
N1 ADP E . -5.23 -2.45 9.92
C2 ADP E . -4.71 -3.23 8.99
N3 ADP E . -5.18 -4.41 8.70
C4 ADP E . -6.23 -4.90 9.34
H5'1 ADP E . -9.50 -9.99 8.39
H5'2 ADP E . -8.56 -10.72 9.68
H4' ADP E . -7.17 -9.85 7.78
H3' ADP E . -6.85 -8.74 10.55
HO3' ADP E . -6.22 -10.94 10.00
H2' ADP E . -5.13 -7.37 9.83
HO2' ADP E . -4.31 -7.52 7.65
H1' ADP E . -6.22 -6.71 7.43
H8 ADP E . -8.62 -6.74 10.34
HN61 ADP E . -6.38 -1.10 11.74
HN62 ADP E . -7.59 -2.30 12.10
H2 ADP E . -3.85 -2.88 8.44
C BCT F . 0.17 6.57 -14.39
O1 BCT F . 0.13 7.03 -15.51
O2 BCT F . 0.55 7.27 -13.49
O3 BCT F . 0.49 5.35 -14.39
#